data_5HT9
#
_entry.id   5HT9
#
_cell.length_a   31.151
_cell.length_b   52.934
_cell.length_c   85.933
_cell.angle_alpha   90.00
_cell.angle_beta   90.00
_cell.angle_gamma   90.00
#
_symmetry.space_group_name_H-M   'P 21 21 21'
#
loop_
_entity.id
_entity.type
_entity.pdbx_description
1 polymer 'Beta/gama crystallin family protein'
2 non-polymer 'NICKEL (II) ION'
3 non-polymer 'MAGNESIUM ION'
4 non-polymer 2-[BIS-(2-HYDROXY-ETHYL)-AMINO]-2-HYDROXYMETHYL-PROPANE-1,3-DIOL
5 water water
#
_entity_poly.entity_id   1
_entity_poly.type   'polypeptide(L)'
_entity_poly.pdbx_seq_one_letter_code
;NAAEVIVYEHVNFGGKSFDATSDQPGAGDNLNDKISSIKVKSGTWRFYEYINYGGRYWDLGPGEYSSVESAGIPDNSISS
FRQI
;
_entity_poly.pdbx_strand_id   A,B
#
loop_
_chem_comp.id
_chem_comp.type
_chem_comp.name
_chem_comp.formula
BTB non-polymer 2-[BIS-(2-HYDROXY-ETHYL)-AMINO]-2-HYDROXYMETHYL-PROPANE-1,3-DIOL 'C8 H19 N O5'
MG non-polymer 'MAGNESIUM ION' 'Mg 2'
NI non-polymer 'NICKEL (II) ION' 'Ni 2'
#
# COMPACT_ATOMS: atom_id res chain seq x y z
N ASN A 1 7.32 14.48 5.23
CA ASN A 1 8.27 14.53 4.13
C ASN A 1 7.60 14.90 2.81
N ALA A 2 8.39 15.03 1.75
CA ALA A 2 7.86 15.35 0.43
C ALA A 2 7.16 14.12 -0.11
N ALA A 3 5.95 14.33 -0.61
CA ALA A 3 5.20 13.25 -1.20
C ALA A 3 4.65 13.76 -2.51
N GLU A 4 4.47 12.85 -3.45
CA GLU A 4 3.97 13.24 -4.75
C GLU A 4 3.31 12.06 -5.44
N VAL A 5 2.14 12.32 -6.01
CA VAL A 5 1.41 11.30 -6.76
C VAL A 5 0.81 11.98 -7.99
N ILE A 6 0.86 11.27 -9.11
CA ILE A 6 0.26 11.77 -10.33
C ILE A 6 -0.89 10.85 -10.70
N VAL A 7 -2.06 11.42 -10.95
CA VAL A 7 -3.22 10.62 -11.34
C VAL A 7 -3.62 10.98 -12.77
N TYR A 8 -4.14 9.99 -13.49
CA TYR A 8 -4.45 10.12 -14.91
C TYR A 8 -5.85 9.64 -15.22
N GLU A 9 -6.49 10.28 -16.18
CA GLU A 9 -7.86 9.97 -16.58
C GLU A 9 -8.03 8.63 -17.30
N HIS A 10 -7.01 8.19 -18.03
CA HIS A 10 -7.12 6.98 -18.83
C HIS A 10 -6.01 6.00 -18.48
N VAL A 11 -6.22 4.74 -18.86
CA VAL A 11 -5.19 3.72 -18.69
C VAL A 11 -3.90 4.10 -19.40
N ASN A 12 -2.80 3.52 -18.93
CA ASN A 12 -1.48 3.76 -19.52
C ASN A 12 -1.06 5.23 -19.51
N PHE A 13 -1.53 5.95 -18.48
CA PHE A 13 -1.10 7.32 -18.22
C PHE A 13 -1.50 8.28 -19.36
N GLY A 14 -2.70 8.05 -19.87
CA GLY A 14 -3.27 8.89 -20.91
C GLY A 14 -4.31 9.84 -20.35
N GLY A 15 -4.80 10.74 -21.20
CA GLY A 15 -5.83 11.68 -20.78
C GLY A 15 -5.32 12.78 -19.88
N LYS A 16 -6.26 13.52 -19.30
CA LYS A 16 -5.95 14.57 -18.34
C LYS A 16 -5.18 13.99 -17.18
N SER A 17 -4.21 14.76 -16.69
CA SER A 17 -3.35 14.32 -15.59
C SER A 17 -3.31 15.39 -14.51
N PHE A 18 -3.20 14.97 -13.25
CA PHE A 18 -2.98 15.93 -12.19
C PHE A 18 -1.82 15.49 -11.31
N ASP A 19 -0.87 16.41 -11.09
CA ASP A 19 0.36 16.16 -10.34
C ASP A 19 0.22 16.75 -8.92
N ALA A 20 -0.07 15.91 -7.94
CA ALA A 20 -0.37 16.38 -6.58
C ALA A 20 0.79 16.23 -5.61
N THR A 21 1.02 17.27 -4.81
CA THR A 21 2.03 17.25 -3.76
C THR A 21 1.40 17.58 -2.42
N SER A 22 0.08 17.46 -2.35
CA SER A 22 -0.68 17.75 -1.15
C SER A 22 -1.97 16.93 -1.15
N ASP A 23 -2.62 16.84 0.01
CA ASP A 23 -3.84 16.05 0.12
C ASP A 23 -4.96 16.58 -0.76
N GLN A 24 -5.77 15.67 -1.29
CA GLN A 24 -6.80 16.00 -2.26
C GLN A 24 -8.16 15.44 -1.85
N PRO A 25 -8.93 16.20 -1.07
CA PRO A 25 -10.22 15.73 -0.56
C PRO A 25 -11.26 15.61 -1.67
N GLY A 26 -10.94 16.12 -2.85
CA GLY A 26 -11.79 15.95 -4.02
C GLY A 26 -11.04 15.34 -5.19
N ALA A 27 -9.90 14.71 -4.92
CA ALA A 27 -9.01 14.18 -5.98
C ALA A 27 -8.76 15.25 -7.04
N GLY A 28 -8.49 16.48 -6.58
CA GLY A 28 -8.60 17.65 -7.42
C GLY A 28 -10.07 18.04 -7.38
N ASP A 29 -10.69 18.04 -8.55
CA ASP A 29 -12.16 18.05 -8.66
C ASP A 29 -12.43 17.38 -9.98
N ASN A 30 -11.52 17.64 -10.92
CA ASN A 30 -11.64 17.21 -12.29
C ASN A 30 -11.66 15.69 -12.48
N LEU A 31 -10.81 14.98 -11.75
CA LEU A 31 -10.65 13.56 -12.02
C LEU A 31 -11.41 12.69 -11.02
N ASN A 32 -12.34 13.28 -10.27
CA ASN A 32 -13.23 12.49 -9.40
C ASN A 32 -13.94 11.42 -10.23
N ASP A 33 -13.80 10.17 -9.79
CA ASP A 33 -14.41 9.02 -10.46
C ASP A 33 -13.94 8.86 -11.91
N LYS A 34 -12.78 9.43 -12.24
CA LYS A 34 -12.21 9.30 -13.57
C LYS A 34 -10.78 8.76 -13.56
N ILE A 35 -10.24 8.49 -12.37
CA ILE A 35 -8.84 8.09 -12.29
C ILE A 35 -8.69 6.64 -12.75
N SER A 36 -7.81 6.43 -13.73
CA SER A 36 -7.67 5.11 -14.32
C SER A 36 -6.25 4.58 -14.26
N SER A 37 -5.28 5.48 -14.05
CA SER A 37 -3.93 5.05 -13.79
C SER A 37 -3.25 6.08 -12.89
N ILE A 38 -2.16 5.62 -12.25
CA ILE A 38 -1.51 6.38 -11.18
C ILE A 38 -0.01 6.18 -11.18
N LYS A 39 0.74 7.26 -11.00
CA LYS A 39 2.17 7.14 -10.69
C LYS A 39 2.42 7.71 -9.31
N VAL A 40 2.72 6.85 -8.34
CA VAL A 40 3.17 7.38 -7.06
C VAL A 40 4.67 7.65 -7.16
N LYS A 41 5.06 8.91 -6.97
CA LYS A 41 6.45 9.30 -7.08
C LYS A 41 7.18 9.13 -5.76
N SER A 42 6.55 9.58 -4.68
CA SER A 42 7.18 9.51 -3.35
C SER A 42 6.11 9.47 -2.29
N GLY A 43 6.38 8.73 -1.22
CA GLY A 43 5.44 8.62 -0.12
C GLY A 43 4.41 7.52 -0.30
N THR A 44 3.70 7.21 0.79
CA THR A 44 2.59 6.28 0.77
C THR A 44 1.31 7.09 0.73
N TRP A 45 0.42 6.74 -0.19
CA TRP A 45 -0.83 7.46 -0.41
C TRP A 45 -2.02 6.54 -0.22
N ARG A 46 -3.08 7.09 0.38
CA ARG A 46 -4.32 6.35 0.56
C ARG A 46 -5.36 6.87 -0.41
N PHE A 47 -5.97 5.97 -1.16
CA PHE A 47 -6.95 6.37 -2.17
C PHE A 47 -8.33 5.88 -1.76
N TYR A 48 -9.31 6.78 -1.76
CA TYR A 48 -10.66 6.48 -1.28
C TYR A 48 -11.69 6.52 -2.39
N GLU A 49 -12.75 5.71 -2.27
CA GLU A 49 -13.77 5.68 -3.31
C GLU A 49 -14.69 6.91 -3.30
N TYR A 50 -14.82 7.59 -2.17
CA TYR A 50 -15.72 8.75 -2.10
C TYR A 50 -14.96 10.01 -1.72
N ILE A 51 -15.53 11.17 -2.00
CA ILE A 51 -14.84 12.42 -1.65
C ILE A 51 -14.72 12.56 -0.15
N ASN A 52 -13.83 13.45 0.27
CA ASN A 52 -13.58 13.69 1.68
C ASN A 52 -13.22 12.41 2.43
N TYR A 53 -12.49 11.54 1.74
CA TYR A 53 -11.84 10.39 2.36
C TYR A 53 -12.84 9.38 2.91
N GLY A 54 -13.91 9.14 2.15
CA GLY A 54 -14.93 8.21 2.60
C GLY A 54 -14.94 6.88 1.87
N GLY A 55 -15.46 5.86 2.55
CA GLY A 55 -15.68 4.56 1.95
C GLY A 55 -14.45 3.66 1.98
N ARG A 56 -14.44 2.65 1.13
CA ARG A 56 -13.30 1.76 1.01
C ARG A 56 -12.07 2.56 0.59
N TYR A 57 -10.89 2.07 0.93
CA TYR A 57 -9.66 2.71 0.48
C TYR A 57 -8.57 1.69 0.19
N TRP A 58 -7.58 2.12 -0.58
CA TRP A 58 -6.46 1.28 -0.94
C TRP A 58 -5.19 2.10 -0.83
N ASP A 59 -4.13 1.51 -0.30
CA ASP A 59 -2.87 2.22 -0.11
C ASP A 59 -1.86 1.81 -1.16
N LEU A 60 -1.07 2.77 -1.62
CA LEU A 60 0.01 2.52 -2.59
C LEU A 60 1.26 3.33 -2.23
N GLY A 61 2.43 2.69 -2.33
CA GLY A 61 3.69 3.40 -2.29
C GLY A 61 4.15 3.68 -3.71
N PRO A 62 5.39 4.17 -3.89
CA PRO A 62 5.97 4.49 -5.20
C PRO A 62 5.79 3.36 -6.20
N GLY A 63 5.40 3.73 -7.42
CA GLY A 63 5.20 2.75 -8.47
C GLY A 63 4.43 3.37 -9.61
N GLU A 64 4.52 2.76 -10.78
CA GLU A 64 3.71 3.18 -11.92
C GLU A 64 2.60 2.17 -12.15
N TYR A 65 1.38 2.57 -11.85
CA TYR A 65 0.22 1.70 -11.95
C TYR A 65 -0.56 2.03 -13.22
N SER A 66 -0.29 1.29 -14.30
CA SER A 66 -0.81 1.64 -15.62
C SER A 66 -2.32 1.45 -15.71
N SER A 67 -2.86 0.69 -14.77
CA SER A 67 -4.30 0.64 -14.60
C SER A 67 -4.57 0.43 -13.11
N VAL A 68 -5.60 1.08 -12.59
CA VAL A 68 -5.88 0.94 -11.16
C VAL A 68 -6.46 -0.44 -10.92
N GLU A 69 -7.17 -0.99 -11.91
CA GLU A 69 -7.67 -2.36 -11.79
C GLU A 69 -6.55 -3.36 -11.47
N SER A 70 -5.39 -3.17 -12.09
CA SER A 70 -4.25 -4.05 -11.86
C SER A 70 -3.73 -3.94 -10.45
N ALA A 71 -3.99 -2.80 -9.81
CA ALA A 71 -3.55 -2.56 -8.45
C ALA A 71 -4.63 -2.91 -7.44
N GLY A 72 -5.68 -3.60 -7.89
CA GLY A 72 -6.78 -3.98 -7.00
C GLY A 72 -7.75 -2.85 -6.66
N ILE A 73 -7.73 -1.79 -7.45
CA ILE A 73 -8.64 -0.65 -7.24
C ILE A 73 -9.64 -0.56 -8.38
N PRO A 74 -10.95 -0.39 -8.06
CA PRO A 74 -11.99 -0.25 -9.10
C PRO A 74 -11.75 0.94 -10.03
N ASP A 75 -11.86 0.74 -11.34
CA ASP A 75 -11.64 1.81 -12.30
C ASP A 75 -12.65 2.93 -12.06
N ASN A 76 -12.25 4.16 -12.35
CA ASN A 76 -13.16 5.29 -12.26
C ASN A 76 -13.93 5.36 -10.94
N SER A 77 -13.21 5.17 -9.83
CA SER A 77 -13.80 5.16 -8.50
C SER A 77 -13.13 6.10 -7.51
N ILE A 78 -11.82 6.25 -7.62
CA ILE A 78 -11.09 7.10 -6.69
C ILE A 78 -11.62 8.53 -6.73
N SER A 79 -11.99 9.04 -5.56
CA SER A 79 -12.65 10.34 -5.45
C SER A 79 -11.93 11.27 -4.48
N SER A 80 -11.01 10.72 -3.69
CA SER A 80 -10.11 11.54 -2.90
C SER A 80 -8.87 10.74 -2.57
N PHE A 81 -7.79 11.42 -2.21
CA PHE A 81 -6.57 10.73 -1.79
C PHE A 81 -5.67 11.65 -0.97
N ARG A 82 -4.87 11.07 -0.10
CA ARG A 82 -4.01 11.86 0.76
C ARG A 82 -2.82 11.06 1.24
N GLN A 83 -1.83 11.75 1.77
CA GLN A 83 -0.62 11.11 2.22
C GLN A 83 -0.88 10.51 3.60
N ILE A 84 -0.33 9.33 3.86
CA ILE A 84 -0.51 8.69 5.16
C ILE A 84 0.81 8.28 5.81
N ASN B 1 -0.31 3.63 20.09
CA ASN B 1 -0.02 2.72 21.20
C ASN B 1 -0.36 1.27 20.85
N ALA B 2 -1.48 1.07 20.16
CA ALA B 2 -1.87 -0.27 19.74
C ALA B 2 -0.96 -0.75 18.62
N ALA B 3 -0.76 -2.07 18.53
CA ALA B 3 0.12 -2.69 17.54
C ALA B 3 -0.27 -2.34 16.12
N GLU B 4 0.73 -2.03 15.29
CA GLU B 4 0.45 -1.70 13.90
C GLU B 4 1.64 -2.07 13.01
N VAL B 5 1.38 -2.72 11.89
CA VAL B 5 2.46 -2.96 10.92
C VAL B 5 1.98 -2.61 9.51
N ILE B 6 2.87 -2.04 8.70
CA ILE B 6 2.56 -1.77 7.29
C ILE B 6 3.38 -2.70 6.41
N VAL B 7 2.73 -3.48 5.57
CA VAL B 7 3.48 -4.32 4.65
C VAL B 7 3.36 -3.76 3.22
N TYR B 8 4.42 -3.93 2.45
CA TYR B 8 4.51 -3.41 1.08
C TYR B 8 4.88 -4.48 0.05
N GLU B 9 4.34 -4.30 -1.16
CA GLU B 9 4.52 -5.23 -2.25
C GLU B 9 5.94 -5.21 -2.83
N HIS B 10 6.58 -4.05 -2.81
CA HIS B 10 7.89 -3.91 -3.41
C HIS B 10 8.88 -3.29 -2.42
N VAL B 11 10.16 -3.44 -2.70
CA VAL B 11 11.20 -2.85 -1.88
C VAL B 11 11.07 -1.34 -1.80
N ASN B 12 11.73 -0.76 -0.80
CA ASN B 12 11.67 0.68 -0.57
C ASN B 12 10.25 1.20 -0.41
N PHE B 13 9.40 0.36 0.19
CA PHE B 13 8.05 0.75 0.57
C PHE B 13 7.23 1.15 -0.66
N GLY B 14 7.45 0.42 -1.76
CA GLY B 14 6.71 0.66 -2.99
C GLY B 14 5.64 -0.39 -3.26
N GLY B 15 4.87 -0.22 -4.33
CA GLY B 15 3.81 -1.16 -4.66
C GLY B 15 2.57 -1.02 -3.79
N LYS B 16 1.68 -2.01 -3.86
CA LYS B 16 0.49 -2.03 -3.00
C LYS B 16 0.94 -2.16 -1.54
N SER B 17 0.20 -1.50 -0.65
CA SER B 17 0.54 -1.43 0.77
C SER B 17 -0.67 -1.85 1.58
N PHE B 18 -0.43 -2.45 2.75
CA PHE B 18 -1.53 -2.75 3.66
C PHE B 18 -1.13 -2.41 5.09
N ASP B 19 -1.97 -1.58 5.69
CA ASP B 19 -1.82 -1.07 7.05
C ASP B 19 -2.64 -1.95 7.99
N ALA B 20 -1.97 -2.82 8.73
CA ALA B 20 -2.64 -3.83 9.55
C ALA B 20 -2.64 -3.44 11.02
N THR B 21 -3.79 -3.65 11.68
CA THR B 21 -3.91 -3.41 13.10
C THR B 21 -4.51 -4.63 13.78
N SER B 22 -4.54 -5.73 13.03
CA SER B 22 -5.00 -7.02 13.54
C SER B 22 -4.23 -8.11 12.84
N ASP B 23 -4.26 -9.31 13.39
CA ASP B 23 -3.54 -10.45 12.81
C ASP B 23 -4.02 -10.75 11.40
N GLN B 24 -3.11 -11.28 10.58
CA GLN B 24 -3.41 -11.51 9.17
C GLN B 24 -3.00 -12.90 8.76
N PRO B 25 -3.96 -13.85 8.75
CA PRO B 25 -3.61 -15.24 8.44
C PRO B 25 -3.37 -15.46 6.94
N GLY B 26 -3.63 -14.43 6.15
CA GLY B 26 -3.33 -14.44 4.73
C GLY B 26 -2.47 -13.26 4.29
N ALA B 27 -1.79 -12.64 5.25
CA ALA B 27 -0.86 -11.52 4.98
C ALA B 27 -1.55 -10.30 4.38
N GLY B 28 -2.85 -10.20 4.59
CA GLY B 28 -3.61 -9.08 4.06
C GLY B 28 -4.00 -9.37 2.63
N ASP B 29 -5.14 -8.83 2.21
CA ASP B 29 -5.65 -9.04 0.86
C ASP B 29 -4.62 -8.72 -0.22
N ASN B 30 -4.34 -9.72 -1.04
CA ASN B 30 -3.52 -9.59 -2.25
C ASN B 30 -2.02 -9.41 -2.03
N LEU B 31 -1.55 -9.60 -0.80
CA LEU B 31 -0.12 -9.43 -0.56
C LEU B 31 0.55 -10.74 -0.13
N ASN B 32 -0.25 -11.81 -0.04
CA ASN B 32 0.31 -13.14 0.21
C ASN B 32 1.41 -13.46 -0.81
N ASP B 33 2.58 -13.85 -0.32
CA ASP B 33 3.74 -14.12 -1.16
C ASP B 33 4.12 -12.94 -2.05
N LYS B 34 3.87 -11.72 -1.58
CA LYS B 34 4.28 -10.54 -2.33
C LYS B 34 4.99 -9.49 -1.47
N ILE B 35 5.12 -9.76 -0.18
CA ILE B 35 5.67 -8.75 0.72
C ILE B 35 7.19 -8.61 0.55
N SER B 36 7.64 -7.38 0.29
CA SER B 36 9.05 -7.12 0.01
C SER B 36 9.68 -6.08 0.93
N SER B 37 8.85 -5.33 1.65
CA SER B 37 9.33 -4.37 2.64
C SER B 37 8.23 -4.11 3.67
N ILE B 38 8.65 -3.66 4.85
CA ILE B 38 7.79 -3.63 6.01
C ILE B 38 8.10 -2.41 6.86
N LYS B 39 7.06 -1.76 7.38
CA LYS B 39 7.23 -0.82 8.47
C LYS B 39 6.46 -1.30 9.68
N VAL B 40 7.16 -1.77 10.71
CA VAL B 40 6.50 -2.06 11.98
C VAL B 40 6.41 -0.74 12.74
N LYS B 41 5.19 -0.25 12.93
CA LYS B 41 5.01 1.01 13.64
C LYS B 41 5.03 0.82 15.15
N SER B 42 4.37 -0.23 15.61
CA SER B 42 4.31 -0.54 17.04
C SER B 42 4.01 -2.02 17.24
N GLY B 43 4.55 -2.57 18.32
CA GLY B 43 4.36 -3.98 18.63
C GLY B 43 5.45 -4.84 18.04
N THR B 44 5.51 -6.10 18.49
CA THR B 44 6.36 -7.10 17.86
C THR B 44 5.46 -8.00 17.03
N TRP B 45 5.88 -8.28 15.80
CA TRP B 45 5.08 -9.06 14.89
C TRP B 45 5.87 -10.27 14.41
N ARG B 46 5.18 -11.39 14.24
CA ARG B 46 5.79 -12.61 13.76
C ARG B 46 5.32 -12.87 12.34
N PHE B 47 6.27 -13.01 11.42
CA PHE B 47 5.99 -13.17 10.00
C PHE B 47 6.29 -14.60 9.56
N TYR B 48 5.30 -15.27 8.99
CA TYR B 48 5.40 -16.69 8.62
C TYR B 48 5.50 -16.91 7.12
N GLU B 49 6.19 -17.97 6.70
CA GLU B 49 6.35 -18.21 5.27
C GLU B 49 5.09 -18.82 4.64
N TYR B 50 4.27 -19.48 5.46
CA TYR B 50 3.03 -20.09 4.99
C TYR B 50 1.82 -19.41 5.59
N ILE B 51 0.72 -19.37 4.86
CA ILE B 51 -0.53 -18.82 5.40
C ILE B 51 -0.95 -19.61 6.63
N ASN B 52 -1.78 -19.00 7.46
CA ASN B 52 -2.25 -19.59 8.71
C ASN B 52 -1.11 -19.96 9.67
N TYR B 53 -0.06 -19.15 9.64
CA TYR B 53 1.00 -19.18 10.64
C TYR B 53 1.76 -20.51 10.65
N GLY B 54 2.13 -20.98 9.46
CA GLY B 54 2.90 -22.21 9.35
C GLY B 54 4.30 -21.98 8.82
N GLY B 55 5.17 -22.95 9.06
CA GLY B 55 6.50 -22.93 8.48
C GLY B 55 7.43 -22.04 9.28
N ARG B 56 8.55 -21.68 8.65
CA ARG B 56 9.53 -20.80 9.25
C ARG B 56 8.90 -19.43 9.57
N TYR B 57 9.40 -18.79 10.61
CA TYR B 57 8.97 -17.46 10.93
C TYR B 57 10.14 -16.58 11.32
N TRP B 58 9.91 -15.27 11.25
CA TRP B 58 10.87 -14.26 11.65
C TRP B 58 10.13 -13.18 12.42
N ASP B 59 10.76 -12.67 13.48
CA ASP B 59 10.14 -11.68 14.36
C ASP B 59 10.77 -10.32 14.16
N LEU B 60 9.93 -9.28 14.12
CA LEU B 60 10.42 -7.91 13.99
C LEU B 60 9.71 -6.96 14.94
N GLY B 61 10.50 -6.11 15.60
CA GLY B 61 9.95 -5.04 16.40
C GLY B 61 9.79 -3.82 15.51
N PRO B 62 9.39 -2.67 16.11
CA PRO B 62 9.26 -1.42 15.37
C PRO B 62 10.50 -1.10 14.57
N GLY B 63 10.29 -0.65 13.34
CA GLY B 63 11.40 -0.29 12.50
C GLY B 63 10.88 -0.18 11.08
N GLU B 64 11.65 0.49 10.24
CA GLU B 64 11.34 0.56 8.82
C GLU B 64 12.35 -0.28 8.07
N TYR B 65 11.85 -1.35 7.45
CA TYR B 65 12.66 -2.37 6.78
C TYR B 65 12.49 -2.28 5.28
N SER B 66 13.43 -1.60 4.59
CA SER B 66 13.26 -1.25 3.17
C SER B 66 13.36 -2.45 2.24
N SER B 67 13.88 -3.55 2.75
CA SER B 67 13.76 -4.85 2.11
C SER B 67 13.72 -5.93 3.19
N VAL B 68 12.93 -6.97 2.98
CA VAL B 68 12.82 -8.03 3.97
C VAL B 68 14.08 -8.87 3.92
N GLU B 69 14.70 -8.92 2.74
CA GLU B 69 16.00 -9.57 2.54
C GLU B 69 17.08 -9.04 3.46
N SER B 70 17.23 -7.71 3.48
CA SER B 70 18.26 -7.10 4.32
C SER B 70 17.94 -7.36 5.79
N ALA B 71 16.69 -7.74 6.06
CA ALA B 71 16.24 -8.03 7.40
C ALA B 71 16.26 -9.53 7.69
N GLY B 72 16.79 -10.30 6.75
CA GLY B 72 16.97 -11.72 6.94
C GLY B 72 15.74 -12.57 6.64
N ILE B 73 14.77 -11.97 5.96
CA ILE B 73 13.53 -12.64 5.57
C ILE B 73 13.47 -12.80 4.05
N PRO B 74 13.06 -13.98 3.55
CA PRO B 74 12.98 -14.20 2.11
C PRO B 74 11.94 -13.31 1.43
N ASP B 75 12.29 -12.81 0.26
CA ASP B 75 11.43 -11.91 -0.50
C ASP B 75 10.20 -12.65 -1.02
N ASN B 76 9.09 -11.92 -1.18
CA ASN B 76 7.87 -12.47 -1.77
C ASN B 76 7.48 -13.86 -1.24
N SER B 77 7.45 -13.97 0.08
CA SER B 77 7.34 -15.26 0.75
C SER B 77 6.49 -15.22 2.02
N ILE B 78 6.49 -14.08 2.71
CA ILE B 78 5.62 -13.93 3.86
C ILE B 78 4.18 -14.14 3.45
N SER B 79 3.50 -15.03 4.15
CA SER B 79 2.14 -15.40 3.77
C SER B 79 1.15 -15.18 4.90
N SER B 80 1.67 -14.90 6.09
CA SER B 80 0.81 -14.54 7.23
C SER B 80 1.66 -13.85 8.31
N PHE B 81 1.01 -13.09 9.18
CA PHE B 81 1.73 -12.46 10.28
C PHE B 81 0.79 -12.10 11.42
N ARG B 82 1.33 -12.07 12.63
CA ARG B 82 0.50 -11.83 13.80
C ARG B 82 1.28 -11.17 14.94
N GLN B 83 0.57 -10.54 15.87
CA GLN B 83 1.21 -9.88 17.01
C GLN B 83 1.70 -10.90 18.03
N ILE B 84 2.91 -10.69 18.54
CA ILE B 84 3.40 -11.51 19.63
C ILE B 84 3.88 -10.61 20.77
NI NI C . -10.14 11.28 -22.94
MG MG D . -15.65 7.54 -6.25
MG MG E . -10.97 7.13 -16.33
C1 BTB F . -12.14 14.86 -23.71
O1 BTB F . -11.21 15.89 -24.00
C2 BTB F . -11.40 13.65 -23.09
C3 BTB F . -12.39 12.85 -22.24
O3 BTB F . -11.77 11.63 -21.90
C4 BTB F . -10.26 14.15 -22.20
O4 BTB F . -9.38 13.09 -21.88
N BTB F . -10.88 12.75 -24.15
C5 BTB F . -11.96 12.29 -25.01
C6 BTB F . -11.88 10.78 -25.28
O6 BTB F . -11.19 10.08 -24.23
C7 BTB F . -9.77 13.34 -24.89
C8 BTB F . -8.59 12.38 -25.05
O8 BTB F . -8.59 11.32 -24.09
NI NI G . 4.02 -3.56 -8.90
MG MG H . 4.55 -17.63 1.67
MG MG I . 7.07 -8.08 -3.65
C1 BTB J . 0.42 -3.84 -11.00
O1 BTB J . -0.26 -2.59 -10.92
C2 BTB J . 1.58 -3.93 -9.99
C3 BTB J . 1.92 -5.41 -9.81
O3 BTB J . 3.13 -5.51 -9.06
C4 BTB J . 1.08 -3.41 -8.62
O4 BTB J . 2.19 -3.28 -7.76
N BTB J . 2.78 -3.17 -10.43
C5 BTB J . 3.31 -3.58 -11.72
C6 BTB J . 4.58 -4.45 -11.64
O6 BTB J . 5.26 -4.31 -10.40
C7 BTB J . 2.57 -1.73 -10.42
C8 BTB J . 3.85 -1.00 -9.99
O8 BTB J . 4.48 -1.74 -8.96
#